data_7ZOT
#
_entry.id   7ZOT
#
_cell.length_a   116.800
_cell.length_b   39.540
_cell.length_c   52.950
_cell.angle_alpha   90.000
_cell.angle_beta   94.952
_cell.angle_gamma   90.000
#
_symmetry.space_group_name_H-M   'C 1 2 1'
#
loop_
_entity.id
_entity.type
_entity.pdbx_description
1 polymer 'Phospholipase A and acyltransferase 4'
2 non-polymer DI(HYDROXYETHYL)ETHER
3 water water
#
_entity_poly.entity_id   1
_entity_poly.type   'polypeptide(L)'
_entity_poly.pdbx_seq_one_letter_code
;GPGMASPHQEPKPGDLIEIFRLGYEHWALYIGDGYVIHLAPPSEYPGAGSSSVFSVLSNSAEVKRERLEDVVGGCCYRVN
NSLDHEYQPRPVEVIISSAKEMVGQKMKYSIVSRNCEHFVTQLRYG
;
_entity_poly.pdbx_strand_id   A,B
#
loop_
_chem_comp.id
_chem_comp.type
_chem_comp.name
_chem_comp.formula
PEG non-polymer DI(HYDROXYETHYL)ETHER 'C4 H10 O3'
#
# COMPACT_ATOMS: atom_id res chain seq x y z
N GLN A 9 15.73 3.88 -20.73
CA GLN A 9 15.32 4.94 -21.70
C GLN A 9 14.78 6.18 -20.97
N GLU A 10 15.15 7.36 -21.47
CA GLU A 10 14.67 8.71 -21.05
C GLU A 10 13.21 8.86 -21.40
N PRO A 11 12.35 9.43 -20.51
CA PRO A 11 10.92 9.42 -20.79
C PRO A 11 10.60 10.42 -21.89
N LYS A 12 9.66 10.05 -22.73
CA LYS A 12 9.07 10.98 -23.71
C LYS A 12 7.62 11.24 -23.30
N PRO A 13 7.09 12.40 -23.68
CA PRO A 13 5.69 12.69 -23.42
C PRO A 13 4.77 11.53 -23.86
N GLY A 14 3.84 11.16 -22.99
CA GLY A 14 2.87 10.07 -23.18
C GLY A 14 3.29 8.79 -22.52
N ASP A 15 4.57 8.66 -22.13
CA ASP A 15 5.13 7.45 -21.47
C ASP A 15 4.51 7.21 -20.09
N LEU A 16 4.28 5.95 -19.77
CA LEU A 16 3.94 5.55 -18.39
C LEU A 16 5.24 5.35 -17.59
N ILE A 17 5.23 5.85 -16.36
CA ILE A 17 6.34 5.73 -15.40
C ILE A 17 5.88 4.85 -14.24
N GLU A 18 6.64 3.80 -13.97
CA GLU A 18 6.44 2.88 -12.85
C GLU A 18 7.52 3.19 -11.81
N ILE A 19 7.09 3.56 -10.61
CA ILE A 19 7.98 4.01 -9.52
C ILE A 19 7.95 2.92 -8.46
N PHE A 20 9.13 2.42 -8.08
CA PHE A 20 9.22 1.31 -7.11
C PHE A 20 9.26 1.88 -5.71
N ARG A 21 8.11 1.80 -5.04
CA ARG A 21 8.01 2.18 -3.62
C ARG A 21 8.18 0.93 -2.77
N LEU A 22 8.11 1.11 -1.45
CA LEU A 22 8.16 0.00 -0.49
C LEU A 22 6.81 -0.70 -0.45
N GLY A 23 6.73 -1.88 -1.04
CA GLY A 23 5.56 -2.78 -1.02
C GLY A 23 4.60 -2.55 -2.16
N TYR A 24 4.83 -1.54 -3.01
CA TYR A 24 3.90 -1.28 -4.14
C TYR A 24 4.62 -0.41 -5.16
N GLU A 25 3.99 -0.26 -6.32
CA GLU A 25 4.48 0.67 -7.36
C GLU A 25 3.47 1.79 -7.53
N HIS A 26 3.98 3.01 -7.55
CA HIS A 26 3.20 4.22 -7.90
C HIS A 26 3.41 4.48 -9.40
N TRP A 27 2.37 4.87 -10.10
CA TRP A 27 2.44 5.11 -11.56
C TRP A 27 2.16 6.58 -11.85
N ALA A 28 2.77 7.08 -12.90
CA ALA A 28 2.58 8.46 -13.37
C ALA A 28 2.67 8.47 -14.89
N LEU A 29 2.12 9.54 -15.47
CA LEU A 29 2.19 9.82 -16.94
C LEU A 29 3.16 10.97 -17.16
N TYR A 30 4.20 10.73 -17.94
CA TYR A 30 5.18 11.78 -18.26
C TYR A 30 4.57 12.65 -19.36
N ILE A 31 4.57 13.96 -19.13
CA ILE A 31 3.99 14.91 -20.13
C ILE A 31 5.05 15.83 -20.73
N GLY A 32 6.31 15.72 -20.35
CA GLY A 32 7.41 16.52 -20.89
C GLY A 32 7.86 17.62 -19.94
N ASP A 33 9.03 18.18 -20.23
CA ASP A 33 9.62 19.30 -19.43
C ASP A 33 9.71 18.87 -17.96
N GLY A 34 9.96 17.60 -17.69
CA GLY A 34 10.16 17.13 -16.31
C GLY A 34 8.87 17.04 -15.53
N TYR A 35 7.69 17.11 -16.14
CA TYR A 35 6.39 17.03 -15.43
C TYR A 35 5.72 15.67 -15.65
N VAL A 36 4.99 15.26 -14.63
CA VAL A 36 4.02 14.14 -14.73
C VAL A 36 2.63 14.62 -14.34
N ILE A 37 1.63 13.87 -14.80
CA ILE A 37 0.27 13.91 -14.25
C ILE A 37 0.02 12.54 -13.63
N HIS A 38 -0.53 12.54 -12.44
CA HIS A 38 -0.69 11.31 -11.65
C HIS A 38 -1.78 11.51 -10.60
N LEU A 39 -2.23 10.38 -10.08
CA LEU A 39 -3.15 10.36 -8.92
C LEU A 39 -2.25 10.46 -7.69
N ALA A 40 -2.21 11.65 -7.09
CA ALA A 40 -1.20 11.97 -6.06
C ALA A 40 -1.63 11.26 -4.79
N PRO A 41 -0.71 10.60 -4.05
CA PRO A 41 -1.06 10.01 -2.76
C PRO A 41 -1.66 11.04 -1.84
N PRO A 42 -2.62 10.67 -0.98
CA PRO A 42 -3.18 11.60 -0.01
C PRO A 42 -2.10 11.91 1.05
N SER A 43 -2.23 13.04 1.74
CA SER A 43 -1.31 13.44 2.84
C SER A 43 -2.03 13.42 4.19
N GLU A 44 -3.34 13.11 4.21
CA GLU A 44 -4.15 13.08 5.46
C GLU A 44 -4.46 11.61 5.68
N TYR A 45 -4.10 11.08 6.85
CA TYR A 45 -4.38 9.69 7.26
C TYR A 45 -5.88 9.56 7.51
N PRO A 46 -6.47 8.36 7.27
CA PRO A 46 -7.85 8.10 7.68
C PRO A 46 -8.05 8.46 9.15
N GLY A 47 -9.14 9.16 9.46
CA GLY A 47 -9.47 9.58 10.81
C GLY A 47 -8.64 10.77 11.29
N ALA A 48 -7.90 11.46 10.42
CA ALA A 48 -7.26 12.75 10.80
C ALA A 48 -8.35 13.79 11.08
N GLY A 49 -8.07 14.74 11.97
CA GLY A 49 -8.99 15.83 12.30
C GLY A 49 -10.30 15.28 12.83
N SER A 50 -11.42 15.79 12.32
CA SER A 50 -12.78 15.45 12.83
C SER A 50 -13.28 14.18 12.12
N SER A 51 -12.65 13.81 11.00
CA SER A 51 -13.12 12.76 10.08
C SER A 51 -13.07 11.40 10.77
N SER A 52 -14.02 10.54 10.43
CA SER A 52 -14.04 9.10 10.82
C SER A 52 -13.18 8.31 9.83
N VAL A 53 -12.52 7.24 10.30
CA VAL A 53 -11.79 6.29 9.42
C VAL A 53 -12.76 5.73 8.38
N PHE A 54 -14.03 5.61 8.75
CA PHE A 54 -15.10 4.99 7.90
C PHE A 54 -15.72 6.03 6.94
N SER A 55 -15.17 7.24 6.90
CA SER A 55 -15.58 8.24 5.90
C SER A 55 -15.33 7.68 4.49
N VAL A 56 -16.28 7.88 3.58
CA VAL A 56 -16.08 7.55 2.13
C VAL A 56 -14.92 8.34 1.55
N LEU A 57 -14.54 9.46 2.16
CA LEU A 57 -13.46 10.34 1.65
C LEU A 57 -12.12 9.97 2.29
N SER A 58 -12.07 8.97 3.17
CA SER A 58 -10.78 8.44 3.66
CA SER A 58 -10.77 8.44 3.66
C SER A 58 -9.93 8.04 2.45
N ASN A 59 -8.66 8.44 2.42
CA ASN A 59 -7.74 8.08 1.33
C ASN A 59 -8.21 8.67 -0.01
N SER A 60 -8.95 9.79 0.01
CA SER A 60 -9.22 10.58 -1.21
CA SER A 60 -9.22 10.59 -1.21
C SER A 60 -7.91 11.15 -1.77
N ALA A 61 -7.73 11.06 -3.09
CA ALA A 61 -6.53 11.54 -3.79
C ALA A 61 -6.97 12.46 -4.92
N GLU A 62 -6.10 13.42 -5.27
CA GLU A 62 -6.33 14.41 -6.32
C GLU A 62 -5.37 14.12 -7.47
N VAL A 63 -5.88 14.23 -8.69
CA VAL A 63 -5.05 14.20 -9.92
C VAL A 63 -4.24 15.49 -9.96
N LYS A 64 -2.92 15.38 -10.02
CA LYS A 64 -2.03 16.56 -9.96
C LYS A 64 -1.01 16.52 -11.08
N ARG A 65 -0.61 17.71 -11.52
CA ARG A 65 0.59 17.88 -12.36
C ARG A 65 1.71 18.26 -11.40
N GLU A 66 2.79 17.48 -11.38
CA GLU A 66 3.94 17.70 -10.49
C GLU A 66 5.22 17.39 -11.25
N ARG A 67 6.34 17.83 -10.69
CA ARG A 67 7.67 17.50 -11.23
C ARG A 67 7.93 16.00 -11.01
N LEU A 68 8.42 15.31 -12.04
CA LEU A 68 8.87 13.90 -12.00
C LEU A 68 9.85 13.74 -10.82
N GLU A 69 10.80 14.65 -10.66
CA GLU A 69 11.85 14.54 -9.59
C GLU A 69 11.18 14.52 -8.22
N ASP A 70 10.14 15.32 -8.02
CA ASP A 70 9.41 15.40 -6.72
C ASP A 70 8.63 14.11 -6.47
N VAL A 71 7.98 13.57 -7.47
CA VAL A 71 7.16 12.34 -7.34
C VAL A 71 8.08 11.13 -7.13
N VAL A 72 9.18 11.04 -7.85
CA VAL A 72 10.08 9.86 -7.73
C VAL A 72 10.87 9.95 -6.43
N GLY A 73 11.30 11.16 -6.03
CA GLY A 73 12.22 11.29 -4.89
C GLY A 73 13.49 10.49 -5.16
N GLY A 74 13.90 9.66 -4.21
CA GLY A 74 15.11 8.83 -4.39
C GLY A 74 14.79 7.48 -5.03
N CYS A 75 13.52 7.20 -5.29
CA CYS A 75 13.08 5.85 -5.72
C CYS A 75 13.60 5.50 -7.12
N CYS A 76 13.79 4.20 -7.35
CA CYS A 76 14.04 3.65 -8.70
C CYS A 76 12.75 3.75 -9.48
N TYR A 77 12.86 3.96 -10.77
CA TYR A 77 11.68 4.08 -11.66
C TYR A 77 12.12 3.73 -13.05
N ARG A 78 11.12 3.43 -13.88
CA ARG A 78 11.34 3.09 -15.30
C ARG A 78 10.14 3.53 -16.11
N VAL A 79 10.37 3.74 -17.40
CA VAL A 79 9.25 3.78 -18.38
C VAL A 79 8.75 2.36 -18.49
N ASN A 80 7.43 2.19 -18.44
CA ASN A 80 6.82 0.85 -18.63
C ASN A 80 5.57 1.00 -19.50
N ASN A 81 5.77 0.99 -20.83
CA ASN A 81 4.66 0.98 -21.80
C ASN A 81 4.46 -0.45 -22.29
N SER A 82 4.67 -1.48 -21.46
CA SER A 82 4.61 -2.87 -21.98
C SER A 82 3.16 -3.27 -22.32
N LEU A 83 2.14 -2.55 -21.84
CA LEU A 83 0.73 -2.75 -22.28
C LEU A 83 0.56 -2.42 -23.77
N ASP A 84 1.53 -1.79 -24.40
CA ASP A 84 1.51 -1.51 -25.87
C ASP A 84 1.51 -2.86 -26.62
N HIS A 85 1.95 -3.95 -26.00
CA HIS A 85 1.90 -5.29 -26.65
C HIS A 85 0.46 -5.83 -26.69
N GLU A 86 -0.44 -5.29 -25.88
CA GLU A 86 -1.87 -5.72 -25.80
C GLU A 86 -2.78 -4.66 -26.42
N TYR A 87 -2.54 -3.37 -26.16
CA TYR A 87 -3.42 -2.27 -26.60
C TYR A 87 -2.65 -1.24 -27.42
N GLN A 88 -3.31 -0.67 -28.42
CA GLN A 88 -2.71 0.41 -29.25
C GLN A 88 -2.71 1.70 -28.43
N PRO A 89 -1.56 2.35 -28.20
CA PRO A 89 -1.57 3.61 -27.46
C PRO A 89 -2.21 4.70 -28.29
N ARG A 90 -2.83 5.66 -27.60
CA ARG A 90 -3.50 6.80 -28.26
CA ARG A 90 -3.49 6.80 -28.27
C ARG A 90 -2.42 7.77 -28.74
N PRO A 91 -2.76 8.67 -29.67
CA PRO A 91 -1.83 9.75 -30.04
C PRO A 91 -1.45 10.52 -28.77
N VAL A 92 -0.18 10.91 -28.69
CA VAL A 92 0.31 11.72 -27.55
C VAL A 92 -0.48 13.01 -27.40
N GLU A 93 -0.93 13.66 -28.48
CA GLU A 93 -1.80 14.84 -28.41
C GLU A 93 -3.04 14.55 -27.53
N VAL A 94 -3.63 13.38 -27.68
CA VAL A 94 -4.90 13.04 -26.98
C VAL A 94 -4.57 12.59 -25.56
N ILE A 95 -3.47 11.87 -25.39
CA ILE A 95 -3.08 11.40 -24.04
C ILE A 95 -2.92 12.64 -23.15
N ILE A 96 -2.20 13.62 -23.65
CA ILE A 96 -1.77 14.77 -22.84
C ILE A 96 -2.95 15.71 -22.66
N SER A 97 -3.78 15.95 -23.68
CA SER A 97 -4.97 16.80 -23.50
CA SER A 97 -4.98 16.79 -23.52
C SER A 97 -5.94 16.13 -22.51
N SER A 98 -6.15 14.82 -22.61
CA SER A 98 -6.97 14.04 -21.64
C SER A 98 -6.41 14.17 -20.23
N ALA A 99 -5.10 14.03 -20.08
CA ALA A 99 -4.45 14.08 -18.77
C ALA A 99 -4.70 15.46 -18.16
N LYS A 100 -4.52 16.52 -18.94
CA LYS A 100 -4.65 17.90 -18.44
C LYS A 100 -6.09 18.16 -18.02
N GLU A 101 -7.06 17.60 -18.74
CA GLU A 101 -8.50 17.77 -18.42
C GLU A 101 -8.84 17.14 -17.08
N MET A 102 -8.09 16.14 -16.63
CA MET A 102 -8.38 15.39 -15.38
C MET A 102 -7.73 16.09 -14.16
N VAL A 103 -6.85 17.06 -14.35
CA VAL A 103 -6.14 17.69 -13.21
C VAL A 103 -7.16 18.34 -12.28
N GLY A 104 -7.09 18.02 -10.99
CA GLY A 104 -8.04 18.50 -9.97
C GLY A 104 -9.19 17.53 -9.73
N GLN A 105 -9.38 16.53 -10.57
CA GLN A 105 -10.39 15.45 -10.30
C GLN A 105 -9.85 14.60 -9.15
N LYS A 106 -10.74 13.84 -8.53
CA LYS A 106 -10.41 12.99 -7.37
CA LYS A 106 -10.38 12.97 -7.38
C LYS A 106 -10.73 11.52 -7.68
N MET A 107 -10.01 10.62 -7.06
CA MET A 107 -10.31 9.18 -7.02
C MET A 107 -9.89 8.68 -5.63
N LYS A 108 -10.42 7.54 -5.22
CA LYS A 108 -9.95 6.82 -4.01
C LYS A 108 -8.49 6.37 -4.23
N TYR A 109 -7.54 6.70 -3.34
CA TYR A 109 -6.15 6.18 -3.45
C TYR A 109 -6.11 4.94 -2.56
N SER A 110 -6.53 3.85 -3.15
CA SER A 110 -6.49 2.52 -2.53
C SER A 110 -5.33 1.80 -3.22
N ILE A 111 -4.28 1.47 -2.49
CA ILE A 111 -3.15 0.75 -3.15
C ILE A 111 -3.65 -0.60 -3.67
N VAL A 112 -4.50 -1.30 -2.92
CA VAL A 112 -4.97 -2.63 -3.36
C VAL A 112 -5.76 -2.51 -4.67
N SER A 113 -6.44 -1.40 -4.91
CA SER A 113 -7.30 -1.17 -6.10
CA SER A 113 -7.29 -1.23 -6.12
C SER A 113 -6.45 -0.90 -7.36
N ARG A 114 -5.17 -0.56 -7.14
CA ARG A 114 -4.19 -0.12 -8.19
C ARG A 114 -4.75 1.09 -8.95
N ASN A 115 -5.54 1.96 -8.30
CA ASN A 115 -6.17 3.11 -9.01
C ASN A 115 -5.10 4.03 -9.64
N CYS A 116 -3.95 4.21 -9.01
CA CYS A 116 -2.94 5.13 -9.59
C CYS A 116 -2.46 4.57 -10.95
N GLU A 117 -2.35 3.24 -11.07
CA GLU A 117 -2.00 2.58 -12.34
C GLU A 117 -3.16 2.70 -13.34
N HIS A 118 -4.37 2.35 -12.94
CA HIS A 118 -5.54 2.36 -13.84
C HIS A 118 -5.79 3.79 -14.37
N PHE A 119 -5.56 4.80 -13.56
CA PHE A 119 -5.75 6.20 -13.97
C PHE A 119 -4.87 6.52 -15.19
N VAL A 120 -3.58 6.23 -15.09
CA VAL A 120 -2.67 6.59 -16.21
C VAL A 120 -2.79 5.59 -17.36
N THR A 121 -3.07 4.30 -17.14
CA THR A 121 -3.23 3.37 -18.28
C THR A 121 -4.45 3.78 -19.10
N GLN A 122 -5.50 4.28 -18.45
CA GLN A 122 -6.68 4.75 -19.22
C GLN A 122 -6.29 5.98 -20.04
N LEU A 123 -5.41 6.84 -19.53
CA LEU A 123 -4.97 8.04 -20.32
C LEU A 123 -4.22 7.58 -21.57
N ARG A 124 -3.37 6.55 -21.46
CA ARG A 124 -2.50 6.15 -22.59
C ARG A 124 -3.33 5.32 -23.59
N TYR A 125 -4.27 4.49 -23.12
CA TYR A 125 -4.87 3.43 -23.97
C TYR A 125 -6.36 3.70 -24.19
N GLY A 126 -7.00 4.56 -23.39
CA GLY A 126 -8.42 4.91 -23.57
C GLY A 126 -9.33 4.05 -22.71
N GLN B 9 -13.04 -1.21 21.82
CA GLN B 9 -12.54 -2.33 22.68
C GLN B 9 -11.02 -2.49 22.56
N GLU B 10 -10.36 -2.66 23.71
CA GLU B 10 -8.90 -2.89 23.89
C GLU B 10 -8.53 -4.24 23.31
N PRO B 11 -7.35 -4.40 22.68
CA PRO B 11 -6.93 -5.71 22.20
C PRO B 11 -6.66 -6.67 23.35
N LYS B 12 -7.08 -7.91 23.16
CA LYS B 12 -6.68 -9.03 24.02
C LYS B 12 -5.78 -9.95 23.21
N PRO B 13 -4.90 -10.72 23.87
CA PRO B 13 -4.00 -11.62 23.15
C PRO B 13 -4.80 -12.54 22.22
N GLY B 14 -4.32 -12.68 20.99
CA GLY B 14 -4.97 -13.47 19.93
C GLY B 14 -5.75 -12.62 18.94
N ASP B 15 -6.06 -11.37 19.31
CA ASP B 15 -6.88 -10.44 18.49
C ASP B 15 -6.11 -9.95 17.25
N LEU B 16 -6.84 -9.81 16.15
CA LEU B 16 -6.30 -9.15 14.93
C LEU B 16 -6.51 -7.65 15.04
N ILE B 17 -5.46 -6.91 14.65
CA ILE B 17 -5.47 -5.43 14.64
C ILE B 17 -5.41 -4.98 13.18
N GLU B 18 -6.32 -4.09 12.82
CA GLU B 18 -6.37 -3.42 11.51
C GLU B 18 -5.95 -1.97 11.73
N ILE B 19 -4.92 -1.53 11.03
CA ILE B 19 -4.29 -0.19 11.23
C ILE B 19 -4.51 0.61 9.95
N PHE B 20 -5.11 1.79 10.07
CA PHE B 20 -5.50 2.59 8.87
C PHE B 20 -4.35 3.50 8.47
N ARG B 21 -3.57 3.05 7.49
CA ARG B 21 -2.41 3.80 6.96
C ARG B 21 -2.84 4.58 5.73
N LEU B 22 -1.88 5.25 5.10
CA LEU B 22 -2.12 6.06 3.89
C LEU B 22 -2.25 5.12 2.69
N GLY B 23 -3.49 4.95 2.21
CA GLY B 23 -3.83 4.19 1.00
C GLY B 23 -4.03 2.70 1.25
N TYR B 24 -3.86 2.21 2.47
CA TYR B 24 -4.00 0.77 2.77
C TYR B 24 -4.16 0.55 4.26
N GLU B 25 -4.54 -0.66 4.60
CA GLU B 25 -4.58 -1.11 6.01
C GLU B 25 -3.51 -2.16 6.24
N HIS B 26 -2.74 -1.96 7.30
CA HIS B 26 -1.74 -2.94 7.77
C HIS B 26 -2.38 -3.75 8.90
N TRP B 27 -2.09 -5.05 8.92
CA TRP B 27 -2.67 -5.99 9.89
C TRP B 27 -1.59 -6.56 10.78
N ALA B 28 -1.93 -6.79 12.03
CA ALA B 28 -1.01 -7.33 13.05
C ALA B 28 -1.83 -8.21 13.99
N LEU B 29 -1.11 -9.11 14.65
CA LEU B 29 -1.68 -10.03 15.66
C LEU B 29 -1.21 -9.56 17.03
N TYR B 30 -2.14 -9.24 17.91
CA TYR B 30 -1.76 -8.82 19.29
C TYR B 30 -1.42 -10.09 20.07
N ILE B 31 -0.23 -10.13 20.68
CA ILE B 31 0.25 -11.32 21.45
C ILE B 31 0.32 -11.00 22.94
N GLY B 32 -0.09 -9.82 23.38
CA GLY B 32 -0.09 -9.43 24.80
C GLY B 32 1.15 -8.61 25.17
N ASP B 33 1.09 -8.01 26.36
CA ASP B 33 2.18 -7.22 26.94
C ASP B 33 2.63 -6.14 25.93
N GLY B 34 1.68 -5.58 25.20
CA GLY B 34 1.92 -4.45 24.31
C GLY B 34 2.71 -4.84 23.06
N TYR B 35 2.77 -6.11 22.70
CA TYR B 35 3.48 -6.57 21.49
C TYR B 35 2.51 -7.15 20.46
N VAL B 36 2.97 -7.08 19.22
CA VAL B 36 2.32 -7.75 18.06
C VAL B 36 3.35 -8.60 17.34
N ILE B 37 2.84 -9.56 16.59
CA ILE B 37 3.59 -10.22 15.50
C ILE B 37 2.91 -9.85 14.19
N HIS B 38 3.71 -9.52 13.21
CA HIS B 38 3.22 -9.02 11.91
C HIS B 38 4.27 -9.23 10.83
N LEU B 39 3.81 -9.09 9.61
CA LEU B 39 4.64 -9.08 8.40
C LEU B 39 5.10 -7.66 8.18
N ALA B 40 6.38 -7.41 8.43
CA ALA B 40 6.98 -6.06 8.49
C ALA B 40 7.89 -5.84 7.28
N PRO B 41 8.11 -4.57 6.87
CA PRO B 41 9.10 -4.26 5.85
C PRO B 41 10.49 -4.77 6.25
N PRO B 42 11.31 -5.24 5.30
CA PRO B 42 12.63 -5.77 5.63
C PRO B 42 13.59 -4.63 6.04
N SER B 43 14.62 -4.93 6.84
CA SER B 43 15.42 -3.92 7.59
C SER B 43 16.88 -3.88 7.12
N GLU B 44 17.25 -4.72 6.16
CA GLU B 44 18.64 -4.82 5.64
C GLU B 44 19.15 -3.45 5.19
N TYR B 45 18.44 -2.83 4.25
CA TYR B 45 18.87 -1.57 3.59
C TYR B 45 18.63 -0.40 4.54
N PRO B 46 19.41 0.70 4.44
CA PRO B 46 19.09 1.95 5.14
C PRO B 46 17.63 2.39 4.95
N GLY B 47 17.05 3.00 5.98
CA GLY B 47 15.74 3.68 5.93
C GLY B 47 14.61 2.68 5.87
N ALA B 48 14.64 1.67 6.74
CA ALA B 48 13.63 0.58 6.82
C ALA B 48 12.24 1.20 7.09
N GLY B 49 11.21 0.64 6.46
CA GLY B 49 9.83 1.19 6.54
C GLY B 49 9.71 2.59 5.95
N SER B 50 10.59 2.99 5.02
CA SER B 50 10.42 4.19 4.16
C SER B 50 10.84 3.88 2.73
N SER B 51 10.09 4.39 1.75
CA SER B 51 10.38 4.24 0.30
C SER B 51 11.69 4.97 -0.01
N SER B 52 12.52 4.35 -0.85
CA SER B 52 13.92 4.79 -1.09
C SER B 52 14.46 4.11 -2.35
N VAL B 53 15.68 4.48 -2.74
CA VAL B 53 16.39 3.89 -3.91
C VAL B 53 16.46 2.35 -3.71
N PHE B 54 16.49 1.88 -2.46
CA PHE B 54 16.67 0.44 -2.12
C PHE B 54 15.34 -0.33 -2.20
N SER B 55 14.18 0.35 -2.26
CA SER B 55 12.85 -0.32 -2.22
C SER B 55 12.69 -1.29 -3.41
N VAL B 56 13.32 -1.00 -4.55
CA VAL B 56 13.27 -1.90 -5.73
C VAL B 56 13.92 -3.25 -5.38
N LEU B 57 14.79 -3.28 -4.36
CA LEU B 57 15.54 -4.50 -3.97
C LEU B 57 14.72 -5.32 -2.94
N SER B 58 13.60 -4.78 -2.45
CA SER B 58 12.84 -5.39 -1.31
C SER B 58 11.54 -6.02 -1.83
N ASN B 59 11.54 -7.32 -2.07
CA ASN B 59 10.33 -8.05 -2.56
C ASN B 59 9.74 -8.96 -1.48
N SER B 60 10.41 -9.10 -0.34
CA SER B 60 9.91 -9.92 0.79
C SER B 60 9.81 -9.06 2.04
N ALA B 61 8.88 -9.42 2.89
CA ALA B 61 8.73 -8.83 4.23
C ALA B 61 9.21 -9.89 5.23
N GLU B 62 9.51 -9.44 6.45
CA GLU B 62 9.98 -10.30 7.55
C GLU B 62 8.91 -10.36 8.65
N VAL B 63 8.62 -11.55 9.13
CA VAL B 63 7.76 -11.72 10.31
C VAL B 63 8.52 -11.18 11.53
N LYS B 64 7.98 -10.19 12.21
CA LYS B 64 8.67 -9.53 13.34
C LYS B 64 7.75 -9.48 14.54
N ARG B 65 8.36 -9.47 15.71
CA ARG B 65 7.68 -9.24 16.99
C ARG B 65 8.03 -7.81 17.37
N GLU B 66 7.06 -6.92 17.43
CA GLU B 66 7.32 -5.48 17.61
C GLU B 66 6.25 -4.88 18.52
N ARG B 67 6.55 -3.73 19.10
CA ARG B 67 5.59 -3.06 20.04
C ARG B 67 4.37 -2.54 19.24
N LEU B 68 3.17 -2.79 19.76
CA LEU B 68 1.89 -2.30 19.20
C LEU B 68 1.99 -0.81 18.93
N GLU B 69 2.49 -0.01 19.88
CA GLU B 69 2.55 1.45 19.73
C GLU B 69 3.40 1.83 18.52
N ASP B 70 4.50 1.11 18.28
CA ASP B 70 5.41 1.38 17.14
C ASP B 70 4.74 1.01 15.80
N VAL B 71 4.06 -0.11 15.75
CA VAL B 71 3.41 -0.60 14.50
C VAL B 71 2.19 0.30 14.16
N VAL B 72 1.43 0.72 15.15
CA VAL B 72 0.28 1.64 14.93
C VAL B 72 0.81 3.04 14.57
N GLY B 73 1.86 3.50 15.22
CA GLY B 73 2.54 4.75 14.84
C GLY B 73 1.62 5.96 14.82
N GLY B 74 0.69 6.10 15.75
CA GLY B 74 -0.18 7.30 15.75
C GLY B 74 -1.39 7.18 14.80
N CYS B 75 -1.47 6.12 14.00
CA CYS B 75 -2.64 5.84 13.13
C CYS B 75 -3.83 5.41 13.98
N CYS B 76 -5.02 5.58 13.41
CA CYS B 76 -6.24 4.93 13.89
C CYS B 76 -6.14 3.42 13.68
N TYR B 77 -6.70 2.65 14.58
CA TYR B 77 -6.67 1.18 14.47
C TYR B 77 -7.86 0.61 15.22
N ARG B 78 -8.13 -0.66 15.00
CA ARG B 78 -9.24 -1.36 15.69
C ARG B 78 -8.92 -2.83 15.73
N VAL B 79 -9.53 -3.50 16.70
CA VAL B 79 -9.58 -4.98 16.68
C VAL B 79 -10.57 -5.36 15.58
N ASN B 80 -10.19 -6.28 14.73
CA ASN B 80 -11.07 -6.77 13.65
C ASN B 80 -10.82 -8.27 13.51
N ASN B 81 -11.54 -9.08 14.30
CA ASN B 81 -11.48 -10.58 14.24
C ASN B 81 -12.39 -11.02 13.08
N SER B 82 -11.86 -10.83 11.89
CA SER B 82 -12.60 -10.67 10.62
C SER B 82 -13.39 -11.93 10.28
N LEU B 83 -13.06 -13.12 10.81
CA LEU B 83 -13.80 -14.37 10.44
C LEU B 83 -14.58 -14.92 11.63
N ASP B 84 -14.70 -14.18 12.74
CA ASP B 84 -15.42 -14.68 13.92
C ASP B 84 -16.90 -14.89 13.61
N HIS B 85 -17.44 -14.31 12.52
CA HIS B 85 -18.84 -14.57 12.12
C HIS B 85 -19.01 -15.98 11.54
N GLU B 86 -17.92 -16.65 11.15
CA GLU B 86 -18.00 -18.03 10.60
C GLU B 86 -17.27 -19.01 11.53
N TYR B 87 -16.10 -18.63 12.02
CA TYR B 87 -15.17 -19.58 12.67
C TYR B 87 -14.88 -19.26 14.12
N GLN B 88 -14.76 -20.31 14.94
CA GLN B 88 -14.06 -20.24 16.23
C GLN B 88 -12.58 -20.04 15.94
N PRO B 89 -11.91 -19.12 16.67
CA PRO B 89 -10.47 -18.96 16.58
C PRO B 89 -9.79 -20.19 17.17
N ARG B 90 -8.51 -20.35 16.85
CA ARG B 90 -7.65 -21.33 17.56
CA ARG B 90 -7.65 -21.33 17.56
C ARG B 90 -7.50 -20.88 19.01
N PRO B 91 -7.15 -21.80 19.94
CA PRO B 91 -6.87 -21.42 21.30
C PRO B 91 -5.78 -20.34 21.33
N VAL B 92 -5.93 -19.37 22.24
CA VAL B 92 -4.98 -18.22 22.31
CA VAL B 92 -4.99 -18.21 22.30
C VAL B 92 -3.53 -18.70 22.43
N GLU B 93 -3.29 -19.71 23.28
CA GLU B 93 -1.94 -20.26 23.50
C GLU B 93 -1.35 -20.74 22.17
N VAL B 94 -2.16 -21.34 21.31
CA VAL B 94 -1.73 -21.90 20.02
C VAL B 94 -1.49 -20.74 19.04
N ILE B 95 -2.38 -19.76 18.99
CA ILE B 95 -2.21 -18.61 18.09
C ILE B 95 -0.85 -17.97 18.38
N ILE B 96 -0.57 -17.73 19.65
CA ILE B 96 0.66 -16.99 20.04
C ILE B 96 1.89 -17.86 19.80
N SER B 97 1.86 -19.16 20.13
CA SER B 97 3.04 -20.04 19.92
CA SER B 97 3.01 -20.07 19.91
C SER B 97 3.27 -20.22 18.41
N SER B 98 2.22 -20.32 17.60
CA SER B 98 2.34 -20.41 16.12
CA SER B 98 2.37 -20.45 16.13
C SER B 98 3.00 -19.15 15.57
N ALA B 99 2.58 -18.01 16.08
CA ALA B 99 3.08 -16.69 15.65
C ALA B 99 4.58 -16.59 15.99
N LYS B 100 4.97 -17.04 17.19
CA LYS B 100 6.37 -16.98 17.65
C LYS B 100 7.24 -17.86 16.78
N GLU B 101 6.72 -19.02 16.35
CA GLU B 101 7.50 -19.97 15.53
C GLU B 101 7.79 -19.36 14.14
N MET B 102 7.00 -18.39 13.67
CA MET B 102 7.11 -17.79 12.32
C MET B 102 8.08 -16.60 12.35
N VAL B 103 8.52 -16.11 13.52
CA VAL B 103 9.36 -14.89 13.59
C VAL B 103 10.67 -15.12 12.85
N GLY B 104 11.02 -14.18 11.96
CA GLY B 104 12.27 -14.24 11.18
C GLY B 104 12.05 -14.86 9.82
N GLN B 105 10.85 -15.41 9.52
CA GLN B 105 10.51 -15.96 8.20
CA GLN B 105 10.62 -15.96 8.17
C GLN B 105 10.28 -14.78 7.23
N LYS B 106 10.52 -15.00 5.96
CA LYS B 106 10.28 -14.00 4.91
C LYS B 106 9.22 -14.52 3.95
N MET B 107 8.34 -13.61 3.54
CA MET B 107 7.17 -13.92 2.70
C MET B 107 7.00 -12.77 1.71
N LYS B 108 6.37 -12.99 0.55
CA LYS B 108 6.29 -11.90 -0.49
C LYS B 108 5.67 -10.63 0.13
N TYR B 109 6.37 -9.51 0.02
CA TYR B 109 5.87 -8.19 0.48
C TYR B 109 5.12 -7.58 -0.71
N SER B 110 3.80 -7.59 -0.70
CA SER B 110 3.00 -6.86 -1.70
C SER B 110 1.76 -6.27 -1.03
N ILE B 111 1.62 -4.95 -0.99
CA ILE B 111 0.38 -4.38 -0.41
C ILE B 111 -0.82 -4.88 -1.21
N VAL B 112 -0.72 -4.94 -2.53
CA VAL B 112 -1.86 -5.34 -3.40
C VAL B 112 -2.31 -6.78 -3.05
N SER B 113 -1.39 -7.67 -2.68
CA SER B 113 -1.66 -9.09 -2.39
C SER B 113 -2.38 -9.25 -1.05
N ARG B 114 -2.35 -8.23 -0.18
CA ARG B 114 -2.89 -8.26 1.21
C ARG B 114 -2.26 -9.41 2.01
N ASN B 115 -0.98 -9.71 1.75
CA ASN B 115 -0.24 -10.77 2.48
C ASN B 115 -0.25 -10.50 3.99
N CYS B 116 -0.12 -9.25 4.43
CA CYS B 116 -0.06 -8.97 5.88
C CYS B 116 -1.37 -9.44 6.54
N GLU B 117 -2.49 -9.28 5.87
CA GLU B 117 -3.81 -9.70 6.41
C GLU B 117 -3.89 -11.23 6.35
N HIS B 118 -3.51 -11.83 5.22
CA HIS B 118 -3.57 -13.31 5.07
C HIS B 118 -2.73 -13.97 6.16
N PHE B 119 -1.55 -13.44 6.42
CA PHE B 119 -0.60 -14.02 7.39
C PHE B 119 -1.28 -14.07 8.77
N VAL B 120 -1.83 -12.96 9.27
CA VAL B 120 -2.34 -12.97 10.66
C VAL B 120 -3.68 -13.70 10.72
N THR B 121 -4.50 -13.65 9.69
CA THR B 121 -5.79 -14.40 9.68
CA THR B 121 -5.78 -14.40 9.70
C THR B 121 -5.48 -15.91 9.77
N GLN B 122 -4.47 -16.38 9.06
CA GLN B 122 -4.06 -17.80 9.17
C GLN B 122 -3.59 -18.13 10.59
N LEU B 123 -2.90 -17.23 11.27
CA LEU B 123 -2.45 -17.50 12.67
C LEU B 123 -3.67 -17.64 13.59
N ARG B 124 -4.68 -16.80 13.44
CA ARG B 124 -5.85 -16.82 14.34
C ARG B 124 -6.77 -18.00 14.02
N TYR B 125 -7.02 -18.31 12.75
CA TYR B 125 -8.10 -19.24 12.34
C TYR B 125 -7.55 -20.56 11.80
N GLY B 126 -6.33 -20.56 11.25
CA GLY B 126 -5.76 -21.71 10.54
C GLY B 126 -5.76 -21.48 9.05
C1 PEG C . 10.07 1.68 24.57
O1 PEG C . 9.92 3.03 24.18
C2 PEG C . 11.42 1.14 24.28
O2 PEG C . 11.62 -0.09 24.95
C3 PEG C . 11.90 0.05 26.34
C4 PEG C . 12.92 -0.96 26.75
O4 PEG C . 12.97 -1.13 28.16
#